data_3HHY
#
_entry.id   3HHY
#
_cell.length_a   88.829
_cell.length_b   37.482
_cell.length_c   74.479
_cell.angle_alpha   90.00
_cell.angle_beta   95.73
_cell.angle_gamma   90.00
#
_symmetry.space_group_name_H-M   'C 1 2 1'
#
loop_
_entity.id
_entity.type
_entity.pdbx_description
1 polymer 'Catechol 1,2-dioxygenase'
2 non-polymer 'FE (III) ION'
3 non-polymer CATECHOL
4 non-polymer '(4S,7R)-4-HYDROXY-N,N,N-TRIMETHYL-9-OXO-7-[(PALMITOYLOXY)METHYL]-3,5,8-TRIOXA-4-PHOSPHAHEXACOSAN-1-AMINIUM 4-OXIDE'
5 non-polymer 'MAGNESIUM ION'
6 non-polymer 'CHLORIDE ION'
7 water water
#
_entity_poly.entity_id   1
_entity_poly.type   'polypeptide(L)'
_entity_poly.pdbx_seq_one_letter_code
;MTTTESPTAAGSGSAATDKFKAERATADTSPERLAAIAKDALGALNDVILKHGVTYPEYRVFKQWLIDVGEGGEWPLFLD
VFIEHSVEEVLARSRKGTMGSIEGPYYIENSPELPSKCTLPMREEDEKITPLVFSGQVTDLDGNGLAGAKVELWHADNDG
YYSQFAPHLPEWNLRGTIIADEEGRYEITTIQPAPYQIPTDGPTGQFIEAQNGHPWRPAHLHLIVSAPGKESVTTQLYFK
GGEWIDSDVASATKPELILDPKTGDDGKNYVTYNFVLDPA
;
_entity_poly.pdbx_strand_id   A
#
loop_
_chem_comp.id
_chem_comp.type
_chem_comp.name
_chem_comp.formula
6PL non-polymer '(4S,7R)-4-HYDROXY-N,N,N-TRIMETHYL-9-OXO-7-[(PALMITOYLOXY)METHYL]-3,5,8-TRIOXA-4-PHOSPHAHEXACOSAN-1-AMINIUM 4-OXIDE' 'C42 H85 N O8 P 1'
CAQ non-polymer CATECHOL 'C6 H6 O2'
CL non-polymer 'CHLORIDE ION' 'Cl -1'
FE non-polymer 'FE (III) ION' 'Fe 3'
MG non-polymer 'MAGNESIUM ION' 'Mg 2'
#
# COMPACT_ATOMS: atom_id res chain seq x y z
N ALA A 25 18.52 7.51 -5.62
CA ALA A 25 18.11 6.16 -6.12
C ALA A 25 19.13 5.60 -7.10
N THR A 26 19.70 4.44 -6.75
CA THR A 26 20.67 3.74 -7.60
C THR A 26 20.30 2.27 -7.73
N ALA A 27 20.65 1.68 -8.87
CA ALA A 27 20.48 0.24 -9.13
C ALA A 27 21.76 -0.27 -9.79
N ASP A 28 21.99 -1.57 -9.77
CA ASP A 28 23.27 -2.10 -10.29
C ASP A 28 23.19 -2.55 -11.77
N THR A 29 22.05 -2.27 -12.40
CA THR A 29 21.72 -2.66 -13.77
C THR A 29 22.85 -2.42 -14.78
N SER A 30 23.18 -3.47 -15.52
CA SER A 30 24.21 -3.35 -16.56
C SER A 30 23.68 -2.63 -17.80
N PRO A 31 24.56 -2.04 -18.62
CA PRO A 31 24.14 -1.48 -19.91
C PRO A 31 23.40 -2.48 -20.76
N GLU A 32 23.87 -3.72 -20.77
CA GLU A 32 23.22 -4.78 -21.52
C GLU A 32 21.78 -4.99 -21.07
N ARG A 33 21.57 -4.95 -19.75
CA ARG A 33 20.26 -5.21 -19.18
C ARG A 33 19.32 -4.04 -19.49
N LEU A 34 19.82 -2.81 -19.32
CA LEU A 34 18.98 -1.63 -19.62
C LEU A 34 18.61 -1.58 -21.09
N ALA A 35 19.59 -1.86 -21.96
CA ALA A 35 19.36 -1.93 -23.41
C ALA A 35 18.20 -2.85 -23.73
N ALA A 36 18.14 -3.99 -23.05
CA ALA A 36 17.12 -5.00 -23.35
C ALA A 36 15.77 -4.57 -22.83
N ILE A 37 15.76 -4.02 -21.63
CA ILE A 37 14.51 -3.53 -21.03
C ILE A 37 13.95 -2.39 -21.87
N ALA A 38 14.83 -1.46 -22.23
CA ALA A 38 14.43 -0.28 -23.02
C ALA A 38 13.88 -0.70 -24.37
N LYS A 39 14.52 -1.67 -25.00
CA LYS A 39 14.09 -2.17 -26.30
C LYS A 39 12.68 -2.76 -26.25
N ASP A 40 12.40 -3.66 -25.32
CA ASP A 40 11.02 -4.16 -25.31
C ASP A 40 10.00 -3.20 -24.72
N ALA A 41 10.40 -2.31 -23.82
CA ALA A 41 9.47 -1.28 -23.32
C ALA A 41 9.03 -0.36 -24.46
N LEU A 42 10.00 0.21 -25.16
CA LEU A 42 9.68 1.07 -26.29
C LEU A 42 9.03 0.32 -27.43
N GLY A 43 9.51 -0.90 -27.70
CA GLY A 43 8.93 -1.76 -28.73
C GLY A 43 7.45 -1.95 -28.46
N ALA A 44 7.15 -2.28 -27.21
CA ALA A 44 5.79 -2.47 -26.71
C ALA A 44 4.87 -1.24 -26.85
N LEU A 45 5.35 -0.06 -26.48
CA LEU A 45 4.55 1.15 -26.66
C LEU A 45 4.33 1.46 -28.13
N ASN A 46 5.39 1.32 -28.91
CA ASN A 46 5.31 1.52 -30.33
C ASN A 46 4.32 0.51 -30.96
N ASP A 47 4.31 -0.73 -30.46
CA ASP A 47 3.34 -1.75 -30.92
C ASP A 47 1.91 -1.37 -30.60
N VAL A 48 1.69 -0.75 -29.45
CA VAL A 48 0.34 -0.29 -29.08
C VAL A 48 -0.14 0.86 -29.95
N ILE A 49 0.77 1.74 -30.34
CA ILE A 49 0.46 2.86 -31.21
C ILE A 49 0.07 2.30 -32.58
N LEU A 50 0.78 1.28 -33.04
CA LEU A 50 0.49 0.67 -34.34
C LEU A 50 -0.83 -0.09 -34.30
N LYS A 51 -1.07 -0.81 -33.21
CA LYS A 51 -2.30 -1.63 -33.10
C LYS A 51 -3.55 -0.77 -33.17
N HIS A 52 -3.57 0.28 -32.36
CA HIS A 52 -4.72 1.15 -32.26
C HIS A 52 -4.77 2.30 -33.26
N GLY A 53 -3.70 2.49 -34.04
CA GLY A 53 -3.66 3.60 -35.00
C GLY A 53 -3.69 4.94 -34.29
N VAL A 54 -2.90 5.08 -33.22
CA VAL A 54 -2.84 6.33 -32.47
C VAL A 54 -2.50 7.48 -33.44
N THR A 55 -3.23 8.59 -33.34
CA THR A 55 -3.13 9.65 -34.32
C THR A 55 -2.23 10.75 -33.80
N TYR A 56 -1.85 11.67 -34.67
CA TYR A 56 -1.06 12.84 -34.24
C TYR A 56 -1.77 13.70 -33.19
N PRO A 57 -3.06 14.02 -33.37
CA PRO A 57 -3.73 14.70 -32.29
C PRO A 57 -3.61 13.97 -30.93
N GLU A 58 -3.74 12.64 -30.91
CA GLU A 58 -3.64 11.85 -29.69
C GLU A 58 -2.22 11.91 -29.14
N TYR A 59 -1.24 11.86 -30.03
CA TYR A 59 0.20 11.97 -29.62
C TYR A 59 0.44 13.29 -28.92
N ARG A 60 -0.09 14.35 -29.48
CA ARG A 60 0.09 15.70 -28.89
C ARG A 60 -0.55 15.77 -27.49
N VAL A 61 -1.74 15.16 -27.34
CA VAL A 61 -2.39 15.09 -26.04
C VAL A 61 -1.52 14.33 -25.03
N PHE A 62 -1.00 13.18 -25.47
CA PHE A 62 -0.19 12.32 -24.61
C PHE A 62 1.04 13.09 -24.13
N LYS A 63 1.66 13.82 -25.07
CA LYS A 63 2.86 14.63 -24.73
C LYS A 63 2.56 15.66 -23.65
N GLN A 64 1.47 16.40 -23.82
CA GLN A 64 1.10 17.40 -22.85
C GLN A 64 0.73 16.80 -21.51
N TRP A 65 0.10 15.62 -21.54
CA TRP A 65 -0.32 14.92 -20.32
C TRP A 65 0.94 14.47 -19.54
N LEU A 66 1.92 13.94 -20.24
CA LEU A 66 3.18 13.57 -19.54
C LEU A 66 3.79 14.78 -18.85
N ILE A 67 3.84 15.92 -19.58
CA ILE A 67 4.32 17.18 -19.00
C ILE A 67 3.51 17.55 -17.74
N ASP A 68 2.20 17.49 -17.88
CA ASP A 68 1.32 17.81 -16.78
C ASP A 68 1.54 16.91 -15.54
N VAL A 69 1.80 15.61 -15.74
CA VAL A 69 2.03 14.69 -14.63
C VAL A 69 3.25 15.18 -13.80
N GLY A 70 4.31 15.56 -14.50
CA GLY A 70 5.50 16.06 -13.81
C GLY A 70 5.25 17.37 -13.14
N GLU A 71 4.59 18.30 -13.83
CA GLU A 71 4.30 19.63 -13.25
C GLU A 71 3.36 19.53 -12.04
N GLY A 72 2.46 18.54 -12.06
CA GLY A 72 1.56 18.28 -10.93
C GLY A 72 2.19 17.48 -9.81
N GLY A 73 3.47 17.16 -9.95
CA GLY A 73 4.12 16.32 -8.96
C GLY A 73 3.49 14.94 -8.79
N GLU A 74 2.87 14.40 -9.84
CA GLU A 74 2.17 13.15 -9.69
C GLU A 74 2.91 11.88 -10.18
N TRP A 75 4.23 11.92 -10.40
CA TRP A 75 4.87 10.66 -10.85
C TRP A 75 4.76 9.54 -9.81
N PRO A 76 5.05 9.84 -8.53
CA PRO A 76 4.92 8.78 -7.54
C PRO A 76 3.50 8.18 -7.46
N LEU A 77 2.49 9.03 -7.50
CA LEU A 77 1.14 8.55 -7.49
C LEU A 77 0.84 7.69 -8.71
N PHE A 78 1.16 8.22 -9.88
CA PHE A 78 0.76 7.53 -11.11
C PHE A 78 1.45 6.16 -11.19
N LEU A 79 2.74 6.15 -10.87
CA LEU A 79 3.50 4.94 -11.00
C LEU A 79 3.09 3.92 -9.95
N ASP A 80 2.91 4.37 -8.73
CA ASP A 80 2.49 3.44 -7.65
C ASP A 80 1.12 2.84 -7.90
N VAL A 81 0.24 3.61 -8.56
CA VAL A 81 -1.11 3.12 -8.85
C VAL A 81 -1.09 2.18 -10.04
N PHE A 82 -0.37 2.55 -11.12
CA PHE A 82 -0.52 1.80 -12.35
C PHE A 82 0.61 0.81 -12.72
N ILE A 83 1.73 0.95 -12.05
CA ILE A 83 2.96 0.18 -12.32
C ILE A 83 3.52 -0.68 -11.14
N GLU A 84 3.53 -0.15 -9.91
CA GLU A 84 4.20 -0.84 -8.82
C GLU A 84 3.74 -2.28 -8.61
N HIS A 85 2.46 -2.58 -8.81
CA HIS A 85 1.94 -3.93 -8.58
C HIS A 85 2.74 -4.98 -9.37
N SER A 86 3.26 -4.63 -10.54
CA SER A 86 4.03 -5.61 -11.34
C SER A 86 5.41 -5.79 -10.74
N VAL A 87 5.92 -4.72 -10.15
CA VAL A 87 7.23 -4.77 -9.49
C VAL A 87 7.14 -5.66 -8.24
N GLU A 88 6.06 -5.54 -7.46
CA GLU A 88 5.90 -6.43 -6.31
C GLU A 88 5.67 -7.88 -6.76
N GLU A 89 4.92 -8.06 -7.84
CA GLU A 89 4.67 -9.39 -8.38
C GLU A 89 6.01 -10.06 -8.75
N VAL A 90 7.00 -9.28 -9.19
CA VAL A 90 8.33 -9.84 -9.41
C VAL A 90 8.94 -10.29 -8.07
N LEU A 91 8.94 -9.39 -7.09
CA LEU A 91 9.51 -9.67 -5.78
C LEU A 91 8.81 -10.88 -5.11
N ALA A 92 7.51 -11.01 -5.37
CA ALA A 92 6.66 -12.08 -4.85
C ALA A 92 7.13 -13.49 -5.27
N ARG A 93 7.67 -13.59 -6.48
CA ARG A 93 8.22 -14.88 -6.97
C ARG A 93 9.24 -15.44 -6.01
N SER A 94 10.03 -14.56 -5.39
CA SER A 94 11.17 -14.96 -4.60
C SER A 94 10.84 -15.26 -3.15
N ARG A 95 9.55 -15.20 -2.81
CA ARG A 95 9.17 -15.17 -1.41
C ARG A 95 8.17 -16.27 -1.03
N LYS A 96 8.42 -16.88 0.12
CA LYS A 96 7.57 -17.94 0.66
C LYS A 96 6.69 -17.43 1.81
N GLY A 97 7.10 -16.32 2.45
CA GLY A 97 6.36 -15.75 3.59
C GLY A 97 5.02 -15.09 3.25
N THR A 98 4.52 -14.23 4.15
CA THR A 98 3.19 -13.63 3.90
C THR A 98 3.28 -12.78 2.65
N MET A 99 2.17 -12.77 1.91
CA MET A 99 2.08 -12.03 0.65
C MET A 99 2.41 -10.57 0.87
N GLY A 100 3.18 -10.01 -0.07
CA GLY A 100 3.41 -8.58 -0.12
C GLY A 100 2.33 -7.89 -0.93
N SER A 101 2.41 -6.56 -0.94
CA SER A 101 1.60 -5.69 -1.78
C SER A 101 2.44 -4.44 -2.00
N ILE A 102 1.94 -3.55 -2.84
CA ILE A 102 2.62 -2.28 -3.12
C ILE A 102 2.82 -1.43 -1.86
N GLU A 103 3.88 -0.64 -1.85
CA GLU A 103 4.09 0.32 -0.78
C GLU A 103 3.09 1.48 -0.96
N GLY A 104 2.84 1.83 -2.22
CA GLY A 104 2.14 3.06 -2.55
C GLY A 104 2.93 4.28 -2.13
N PRO A 105 2.36 5.46 -2.33
CA PRO A 105 3.18 6.69 -2.24
C PRO A 105 3.28 7.37 -0.88
N TYR A 106 2.61 6.81 0.14
CA TYR A 106 2.40 7.48 1.41
C TYR A 106 3.21 6.98 2.61
N TYR A 107 4.21 6.12 2.38
CA TYR A 107 5.03 5.67 3.49
C TYR A 107 5.98 6.77 3.98
N ILE A 108 6.14 6.84 5.29
CA ILE A 108 7.13 7.73 5.92
C ILE A 108 7.96 6.89 6.91
N GLU A 109 9.28 6.94 6.73
CA GLU A 109 10.21 6.28 7.65
C GLU A 109 10.23 6.91 9.05
N ASN A 110 10.64 6.12 10.03
CA ASN A 110 10.96 6.60 11.39
C ASN A 110 9.72 7.12 12.13
N SER A 111 8.55 6.59 11.78
CA SER A 111 7.39 6.83 12.62
C SER A 111 7.68 6.38 14.07
N PRO A 112 7.15 7.11 15.04
CA PRO A 112 7.56 6.88 16.43
C PRO A 112 7.26 5.46 16.87
N GLU A 113 8.19 4.89 17.63
CA GLU A 113 8.06 3.55 18.14
C GLU A 113 6.99 3.49 19.24
N LEU A 114 6.24 2.39 19.27
CA LEU A 114 5.18 2.17 20.25
C LEU A 114 5.38 0.77 20.85
N PRO A 115 4.89 0.56 22.09
CA PRO A 115 4.92 -0.75 22.73
C PRO A 115 4.11 -1.80 21.98
N SER A 116 4.32 -3.07 22.32
CA SER A 116 3.74 -4.19 21.60
C SER A 116 2.22 -4.15 21.67
N LYS A 117 1.68 -3.66 22.79
CA LYS A 117 0.23 -3.43 22.89
C LYS A 117 -0.04 -1.93 23.02
N CYS A 118 -0.70 -1.36 22.01
CA CYS A 118 -0.71 0.09 21.85
C CYS A 118 -1.90 0.51 21.02
N THR A 119 -2.20 1.81 21.04
CA THR A 119 -3.06 2.44 20.02
C THR A 119 -2.29 3.50 19.22
N LEU A 120 -2.58 3.54 17.93
CA LEU A 120 -1.86 4.48 17.06
C LEU A 120 -2.22 5.90 17.42
N PRO A 121 -1.30 6.84 17.13
CA PRO A 121 -1.70 8.25 17.40
C PRO A 121 -2.94 8.62 16.59
N MET A 122 -3.89 9.32 17.21
CA MET A 122 -5.05 9.75 16.47
C MET A 122 -5.66 10.99 17.10
N ARG A 123 -6.55 11.64 16.34
CA ARG A 123 -7.21 12.87 16.78
C ARG A 123 -8.48 12.55 17.54
N GLU A 124 -9.02 13.56 18.22
CA GLU A 124 -10.34 13.41 18.82
C GLU A 124 -11.37 13.02 17.76
N GLU A 125 -11.27 13.58 16.56
CA GLU A 125 -12.15 13.22 15.42
C GLU A 125 -12.05 11.72 15.10
N ASP A 126 -10.85 11.17 15.15
CA ASP A 126 -10.68 9.76 14.85
C ASP A 126 -11.30 8.86 15.91
N GLU A 127 -11.38 9.36 17.14
CA GLU A 127 -11.92 8.60 18.25
C GLU A 127 -13.44 8.35 18.11
N LYS A 128 -14.05 9.03 17.15
CA LYS A 128 -15.48 8.88 16.82
C LYS A 128 -15.74 7.66 15.92
N ILE A 129 -14.67 7.04 15.44
CA ILE A 129 -14.76 5.93 14.48
C ILE A 129 -14.66 4.58 15.20
N THR A 130 -15.39 3.57 14.71
CA THR A 130 -15.28 2.22 15.28
C THR A 130 -13.83 1.77 15.33
N PRO A 131 -13.36 1.36 16.51
CA PRO A 131 -12.00 0.84 16.62
C PRO A 131 -11.76 -0.48 15.91
N LEU A 132 -10.51 -0.68 15.51
CA LEU A 132 -10.06 -1.93 14.96
C LEU A 132 -8.92 -2.40 15.84
N VAL A 133 -9.07 -3.60 16.39
CA VAL A 133 -8.02 -4.14 17.26
C VAL A 133 -7.34 -5.28 16.53
N PHE A 134 -6.06 -5.08 16.23
CA PHE A 134 -5.32 -5.90 15.30
C PHE A 134 -4.20 -6.64 16.06
N SER A 135 -4.35 -7.96 16.20
CA SER A 135 -3.44 -8.78 16.99
C SER A 135 -2.73 -9.83 16.12
N GLY A 136 -1.58 -10.32 16.58
CA GLY A 136 -0.94 -11.42 15.88
C GLY A 136 0.48 -11.59 16.33
N GLN A 137 1.22 -12.37 15.56
CA GLN A 137 2.63 -12.64 15.86
C GLN A 137 3.45 -12.59 14.58
N VAL A 138 4.68 -12.09 14.70
CA VAL A 138 5.65 -12.19 13.62
C VAL A 138 6.46 -13.48 13.80
N THR A 139 6.50 -14.32 12.77
CA THR A 139 7.20 -15.61 12.81
C THR A 139 8.10 -15.86 11.62
N ASP A 140 9.00 -16.83 11.74
CA ASP A 140 9.72 -17.33 10.57
C ASP A 140 8.85 -18.32 9.81
N LEU A 141 9.42 -18.95 8.80
CA LEU A 141 8.72 -19.84 7.88
C LEU A 141 8.23 -21.15 8.51
N ASP A 142 8.78 -21.48 9.67
CA ASP A 142 8.42 -22.72 10.34
C ASP A 142 7.30 -22.46 11.32
N GLY A 143 7.03 -21.17 11.53
CA GLY A 143 6.06 -20.76 12.52
C GLY A 143 6.64 -20.34 13.86
N ASN A 144 7.97 -20.18 13.94
CA ASN A 144 8.61 -19.72 15.17
C ASN A 144 8.51 -18.22 15.36
N GLY A 145 8.09 -17.79 16.55
CA GLY A 145 7.91 -16.36 16.86
C GLY A 145 9.23 -15.62 16.96
N LEU A 146 9.27 -14.40 16.42
CA LEU A 146 10.51 -13.62 16.34
C LEU A 146 10.56 -12.45 17.30
N ALA A 147 11.66 -12.34 18.05
CA ALA A 147 11.92 -11.17 18.89
C ALA A 147 12.71 -10.11 18.11
N GLY A 148 12.61 -8.85 18.54
CA GLY A 148 13.21 -7.71 17.83
C GLY A 148 12.43 -7.29 16.58
N ALA A 149 11.23 -7.85 16.42
CA ALA A 149 10.41 -7.61 15.22
C ALA A 149 9.65 -6.29 15.34
N LYS A 150 9.51 -5.59 14.24
CA LYS A 150 8.79 -4.32 14.29
C LYS A 150 7.71 -4.30 13.23
N VAL A 151 6.61 -3.62 13.53
CA VAL A 151 5.49 -3.54 12.60
C VAL A 151 5.25 -2.06 12.37
N GLU A 152 5.62 -1.57 11.18
CA GLU A 152 5.37 -0.19 10.80
C GLU A 152 4.00 -0.18 10.13
N LEU A 153 3.12 0.66 10.65
CA LEU A 153 1.73 0.68 10.22
C LEU A 153 1.39 2.11 9.82
N TRP A 154 0.68 2.26 8.72
CA TRP A 154 0.12 3.58 8.35
C TRP A 154 -1.11 3.39 7.49
N HIS A 155 -2.05 4.32 7.59
CA HIS A 155 -3.25 4.20 6.78
C HIS A 155 -4.02 5.52 6.80
N ALA A 156 -5.08 5.60 5.99
CA ALA A 156 -5.85 6.84 5.86
C ALA A 156 -6.85 6.95 6.97
N ASP A 157 -7.23 8.18 7.30
CA ASP A 157 -8.33 8.38 8.21
C ASP A 157 -9.66 8.27 7.46
N ASN A 158 -10.76 8.39 8.20
CA ASN A 158 -12.11 8.23 7.65
C ASN A 158 -12.53 9.28 6.64
N ASP A 159 -11.81 10.40 6.65
CA ASP A 159 -12.00 11.48 5.69
C ASP A 159 -11.24 11.27 4.37
N GLY A 160 -10.42 10.21 4.34
CA GLY A 160 -9.63 9.88 3.15
C GLY A 160 -8.26 10.54 3.05
N TYR A 161 -7.67 10.92 4.19
CA TYR A 161 -6.42 11.68 4.23
C TYR A 161 -5.32 10.88 4.93
N TYR A 162 -4.11 11.02 4.41
CA TYR A 162 -2.92 10.50 5.09
C TYR A 162 -2.18 11.65 5.79
N SER A 163 -1.72 11.41 7.02
CA SER A 163 -0.87 12.39 7.68
C SER A 163 0.40 12.64 6.85
N GLN A 164 0.87 13.90 6.86
CA GLN A 164 1.96 14.40 6.05
C GLN A 164 1.57 14.58 4.58
N PHE A 165 0.31 14.29 4.26
CA PHE A 165 -0.23 14.52 2.91
C PHE A 165 -1.55 15.27 2.98
N ALA A 166 -1.70 16.06 4.05
CA ALA A 166 -2.88 16.88 4.37
C ALA A 166 -2.44 17.82 5.47
N PRO A 167 -2.33 19.13 5.17
CA PRO A 167 -1.80 20.06 6.17
C PRO A 167 -2.53 20.18 7.52
N HIS A 168 -3.81 19.80 7.60
CA HIS A 168 -4.56 19.78 8.91
C HIS A 168 -4.22 18.68 9.92
N LEU A 169 -3.45 17.68 9.49
CA LEU A 169 -3.28 16.50 10.31
C LEU A 169 -1.97 16.49 11.08
N PRO A 170 -2.01 16.08 12.36
CA PRO A 170 -0.75 15.87 13.09
C PRO A 170 0.10 14.87 12.32
N GLU A 171 1.42 15.09 12.31
CA GLU A 171 2.30 14.43 11.35
C GLU A 171 2.36 12.91 11.48
N TRP A 172 2.01 12.36 12.65
CA TRP A 172 2.08 10.91 12.77
C TRP A 172 0.70 10.34 12.99
N ASN A 173 -0.33 11.08 12.59
CA ASN A 173 -1.68 10.57 12.73
C ASN A 173 -1.81 9.23 12.00
N LEU A 174 -2.21 8.20 12.74
CA LEU A 174 -2.41 6.86 12.15
C LEU A 174 -1.09 6.31 11.55
N ARG A 175 0.01 6.61 12.25
CA ARG A 175 1.34 6.09 11.88
C ARG A 175 2.07 5.68 13.14
N GLY A 176 2.80 4.55 13.09
CA GLY A 176 3.60 4.13 14.24
C GLY A 176 4.49 2.97 13.87
N THR A 177 5.61 2.82 14.58
CA THR A 177 6.34 1.54 14.46
C THR A 177 6.26 0.71 15.75
N ILE A 178 5.47 -0.33 15.66
CA ILE A 178 5.16 -1.14 16.82
C ILE A 178 6.30 -2.13 17.08
N ILE A 179 6.87 -2.05 18.28
CA ILE A 179 7.88 -3.03 18.72
C ILE A 179 7.20 -4.28 19.27
N ALA A 180 7.27 -5.37 18.53
CA ALA A 180 6.65 -6.61 18.97
C ALA A 180 7.34 -7.12 20.25
N ASP A 181 6.68 -8.03 20.94
CA ASP A 181 7.23 -8.52 22.21
C ASP A 181 8.28 -9.62 21.97
N GLU A 182 8.79 -10.21 23.06
CA GLU A 182 9.85 -11.24 22.94
C GLU A 182 9.41 -12.49 22.18
N GLU A 183 8.10 -12.64 22.01
CA GLU A 183 7.49 -13.74 21.26
C GLU A 183 7.10 -13.30 19.83
N GLY A 184 7.26 -12.02 19.55
CA GLY A 184 6.90 -11.46 18.25
C GLY A 184 5.45 -11.01 18.21
N ARG A 185 4.80 -10.94 19.37
CA ARG A 185 3.38 -10.59 19.39
C ARG A 185 3.12 -9.09 19.55
N TYR A 186 1.94 -8.69 19.08
CA TYR A 186 1.49 -7.30 19.06
C TYR A 186 -0.01 -7.25 19.20
N GLU A 187 -0.53 -6.16 19.74
CA GLU A 187 -1.97 -5.93 19.75
C GLU A 187 -2.15 -4.44 19.53
N ILE A 188 -2.56 -4.08 18.32
CA ILE A 188 -2.54 -2.69 17.91
C ILE A 188 -3.94 -2.16 17.70
N THR A 189 -4.34 -1.12 18.43
CA THR A 189 -5.65 -0.53 18.11
C THR A 189 -5.56 0.72 17.28
N THR A 190 -6.40 0.74 16.27
CA THR A 190 -6.49 1.85 15.38
C THR A 190 -7.96 2.13 15.06
N ILE A 191 -8.23 2.88 14.01
CA ILE A 191 -9.58 3.04 13.51
C ILE A 191 -9.79 2.14 12.30
N GLN A 192 -11.06 1.75 12.09
CA GLN A 192 -11.42 0.92 10.97
C GLN A 192 -11.21 1.70 9.68
N PRO A 193 -10.25 1.29 8.86
CA PRO A 193 -10.01 2.01 7.60
C PRO A 193 -11.27 2.03 6.69
N ALA A 194 -11.39 3.08 5.89
CA ALA A 194 -12.48 3.22 4.92
C ALA A 194 -11.90 3.41 3.50
N PRO A 195 -12.75 3.20 2.48
CA PRO A 195 -12.22 3.27 1.12
C PRO A 195 -11.47 4.58 0.87
N TYR A 196 -10.48 4.53 -0.01
CA TYR A 196 -9.59 5.65 -0.28
C TYR A 196 -9.67 6.10 -1.74
N GLN A 197 -10.11 7.34 -1.94
CA GLN A 197 -10.16 7.92 -3.28
C GLN A 197 -8.87 8.59 -3.60
N ILE A 198 -8.26 8.22 -4.71
CA ILE A 198 -7.00 8.81 -5.05
C ILE A 198 -7.21 10.25 -5.53
N PRO A 199 -6.19 11.11 -5.40
CA PRO A 199 -6.36 12.50 -5.80
C PRO A 199 -6.85 12.61 -7.24
N THR A 200 -7.95 13.30 -7.46
CA THR A 200 -8.49 13.37 -8.80
C THR A 200 -8.41 14.76 -9.43
N ASP A 201 -7.84 15.71 -8.69
CA ASP A 201 -7.67 17.10 -9.17
C ASP A 201 -6.59 17.30 -10.24
N GLY A 202 -5.86 16.24 -10.58
CA GLY A 202 -4.75 16.36 -11.51
C GLY A 202 -4.78 15.40 -12.66
N PRO A 203 -3.63 15.26 -13.35
CA PRO A 203 -3.53 14.47 -14.56
C PRO A 203 -3.85 13.00 -14.34
N THR A 204 -3.62 12.47 -13.14
CA THR A 204 -3.92 11.09 -12.90
C THR A 204 -5.45 10.95 -12.86
N GLY A 205 -6.11 11.84 -12.12
CA GLY A 205 -7.59 11.85 -12.09
C GLY A 205 -8.17 11.96 -13.49
N GLN A 206 -7.53 12.82 -14.28
CA GLN A 206 -7.96 13.14 -15.64
C GLN A 206 -7.83 11.93 -16.55
N PHE A 207 -6.74 11.19 -16.39
CA PHE A 207 -6.53 9.91 -17.07
C PHE A 207 -7.65 8.93 -16.74
N ILE A 208 -8.06 8.88 -15.48
CA ILE A 208 -9.11 7.97 -15.02
C ILE A 208 -10.45 8.46 -15.55
N GLU A 209 -10.75 9.72 -15.32
CA GLU A 209 -11.99 10.35 -15.87
C GLU A 209 -12.21 10.16 -17.36
N ALA A 210 -11.16 10.37 -18.15
CA ALA A 210 -11.23 10.28 -19.61
C ALA A 210 -11.60 8.89 -20.13
N GLN A 211 -11.36 7.85 -19.33
CA GLN A 211 -11.71 6.49 -19.73
C GLN A 211 -12.85 5.86 -18.94
N ASN A 212 -13.64 6.68 -18.24
CA ASN A 212 -14.74 6.18 -17.40
C ASN A 212 -14.27 5.14 -16.39
N GLY A 213 -13.07 5.35 -15.83
CA GLY A 213 -12.59 4.49 -14.76
C GLY A 213 -13.07 4.91 -13.38
N HIS A 214 -12.58 4.20 -12.37
CA HIS A 214 -13.00 4.41 -11.01
C HIS A 214 -11.79 4.77 -10.20
N PRO A 215 -11.76 5.96 -9.58
CA PRO A 215 -10.54 6.40 -8.88
C PRO A 215 -10.48 5.93 -7.40
N TRP A 216 -10.80 4.68 -7.15
CA TRP A 216 -10.95 4.18 -5.76
C TRP A 216 -10.10 2.99 -5.42
N ARG A 217 -9.58 3.02 -4.20
CA ARG A 217 -8.98 1.83 -3.62
C ARG A 217 -9.88 1.32 -2.53
N PRO A 218 -9.89 0.01 -2.30
CA PRO A 218 -10.58 -0.46 -1.09
C PRO A 218 -9.94 0.05 0.21
N ALA A 219 -10.68 -0.03 1.33
CA ALA A 219 -10.15 0.27 2.68
C ALA A 219 -8.95 -0.61 2.88
N HIS A 220 -7.88 -0.05 3.44
CA HIS A 220 -6.61 -0.82 3.60
C HIS A 220 -5.68 -0.29 4.68
N LEU A 221 -5.02 -1.21 5.35
CA LEU A 221 -3.86 -0.92 6.18
C LEU A 221 -2.61 -1.15 5.34
N HIS A 222 -1.63 -0.28 5.53
CA HIS A 222 -0.25 -0.46 5.02
C HIS A 222 0.66 -0.94 6.15
N LEU A 223 1.48 -1.96 5.89
CA LEU A 223 2.42 -2.43 6.89
C LEU A 223 3.80 -2.78 6.30
N ILE A 224 4.83 -2.44 7.05
CA ILE A 224 6.16 -2.99 6.75
C ILE A 224 6.61 -3.75 8.00
N VAL A 225 6.85 -5.05 7.82
CA VAL A 225 7.16 -5.91 8.97
C VAL A 225 8.60 -6.45 8.83
N SER A 226 9.37 -6.25 9.89
CA SER A 226 10.81 -6.50 9.86
C SER A 226 11.26 -7.24 11.12
N ALA A 227 12.48 -7.76 11.07
CA ALA A 227 13.05 -8.56 12.16
C ALA A 227 14.51 -8.86 11.81
N PRO A 228 15.37 -8.94 12.84
CA PRO A 228 16.81 -9.29 12.65
C PRO A 228 16.98 -10.55 11.83
N GLY A 229 17.72 -10.43 10.73
CA GLY A 229 18.08 -11.56 9.89
C GLY A 229 16.96 -12.03 8.98
N LYS A 230 15.91 -11.23 8.88
CA LYS A 230 14.80 -11.54 7.97
C LYS A 230 14.69 -10.51 6.86
N GLU A 231 14.16 -10.96 5.73
CA GLU A 231 13.77 -10.06 4.68
C GLU A 231 12.47 -9.39 5.15
N SER A 232 12.47 -8.06 5.23
CA SER A 232 11.21 -7.34 5.54
C SER A 232 10.12 -7.61 4.50
N VAL A 233 8.87 -7.45 4.91
CA VAL A 233 7.78 -7.51 3.96
C VAL A 233 6.95 -6.24 4.01
N THR A 234 6.71 -5.66 2.84
CA THR A 234 5.82 -4.51 2.72
C THR A 234 4.53 -5.09 2.25
N THR A 235 3.45 -4.81 2.95
CA THR A 235 2.19 -5.43 2.56
C THR A 235 1.04 -4.53 2.83
N GLN A 236 -0.18 -5.01 2.52
CA GLN A 236 -1.43 -4.33 2.85
C GLN A 236 -2.45 -5.36 3.30
N LEU A 237 -3.47 -4.88 4.01
CA LEU A 237 -4.56 -5.74 4.50
C LEU A 237 -5.86 -5.02 4.21
N TYR A 238 -6.84 -5.78 3.74
CA TYR A 238 -8.13 -5.26 3.28
C TYR A 238 -9.21 -5.95 4.09
N PHE A 239 -10.48 -5.64 3.80
CA PHE A 239 -11.58 -6.03 4.69
C PHE A 239 -12.69 -6.70 3.94
N LYS A 240 -13.06 -7.89 4.42
CA LYS A 240 -13.98 -8.77 3.71
C LYS A 240 -15.26 -8.04 3.40
N GLY A 241 -15.69 -8.13 2.15
CA GLY A 241 -16.92 -7.51 1.69
C GLY A 241 -16.77 -6.01 1.50
N GLY A 242 -15.56 -5.49 1.63
CA GLY A 242 -15.35 -4.06 1.45
C GLY A 242 -15.61 -3.63 0.01
N GLU A 243 -16.06 -2.38 -0.16
CA GLU A 243 -16.23 -1.73 -1.45
C GLU A 243 -14.87 -1.68 -2.17
N TRP A 244 -14.87 -1.91 -3.49
CA TRP A 244 -13.66 -1.80 -4.35
C TRP A 244 -12.60 -2.91 -4.26
N ILE A 245 -12.84 -3.94 -3.45
CA ILE A 245 -11.85 -5.02 -3.34
C ILE A 245 -11.60 -5.75 -4.66
N ASP A 246 -12.64 -5.81 -5.48
CA ASP A 246 -12.60 -6.52 -6.75
CA ASP A 246 -12.58 -6.53 -6.75
C ASP A 246 -12.23 -5.59 -7.91
N SER A 247 -12.18 -4.28 -7.62
CA SER A 247 -11.87 -3.29 -8.65
C SER A 247 -10.95 -2.18 -8.15
N ASP A 248 -9.93 -2.57 -7.41
CA ASP A 248 -8.93 -1.64 -6.89
C ASP A 248 -8.23 -0.97 -8.07
N VAL A 249 -8.26 0.37 -8.11
CA VAL A 249 -7.60 1.10 -9.18
C VAL A 249 -6.09 0.78 -9.26
N ALA A 250 -5.46 0.40 -8.14
CA ALA A 250 -4.02 0.13 -8.12
C ALA A 250 -3.69 -1.34 -8.38
N SER A 251 -4.71 -2.17 -8.57
CA SER A 251 -4.46 -3.58 -8.88
C SER A 251 -3.60 -4.29 -7.80
N ALA A 252 -3.79 -3.90 -6.53
CA ALA A 252 -2.89 -4.33 -5.45
C ALA A 252 -3.55 -5.25 -4.41
N THR A 253 -4.80 -5.62 -4.61
CA THR A 253 -5.49 -6.47 -3.65
CA THR A 253 -5.50 -6.45 -3.66
C THR A 253 -5.21 -7.91 -3.99
N LYS A 254 -5.05 -8.73 -2.96
CA LYS A 254 -4.82 -10.15 -3.13
C LYS A 254 -5.76 -10.82 -2.16
N PRO A 255 -6.34 -11.97 -2.58
CA PRO A 255 -7.26 -12.67 -1.70
C PRO A 255 -6.64 -13.07 -0.35
N GLU A 256 -5.34 -13.38 -0.32
CA GLU A 256 -4.67 -13.77 0.90
C GLU A 256 -4.57 -12.66 1.97
N LEU A 257 -4.82 -11.42 1.56
CA LEU A 257 -4.59 -10.25 2.40
C LEU A 257 -5.91 -9.65 2.87
N ILE A 258 -7.00 -10.38 2.70
CA ILE A 258 -8.33 -9.89 3.12
C ILE A 258 -8.68 -10.36 4.54
N LEU A 259 -8.87 -9.39 5.44
CA LEU A 259 -9.18 -9.66 6.84
C LEU A 259 -10.69 -9.80 7.03
N ASP A 260 -11.08 -10.57 8.05
CA ASP A 260 -12.51 -10.76 8.32
C ASP A 260 -12.75 -10.47 9.79
N PRO A 261 -12.73 -9.18 10.17
CA PRO A 261 -12.78 -8.86 11.59
C PRO A 261 -14.13 -9.17 12.21
N LYS A 262 -14.10 -9.54 13.48
CA LYS A 262 -15.31 -9.87 14.24
C LYS A 262 -15.61 -8.74 15.18
N THR A 263 -16.89 -8.39 15.27
CA THR A 263 -17.30 -7.31 16.16
CA THR A 263 -17.33 -7.32 16.17
C THR A 263 -17.63 -7.85 17.56
N GLY A 264 -17.06 -7.22 18.59
CA GLY A 264 -17.33 -7.67 19.96
C GLY A 264 -18.48 -6.89 20.56
N ASP A 265 -18.84 -7.21 21.80
CA ASP A 265 -20.01 -6.56 22.42
C ASP A 265 -19.71 -5.14 22.79
N ASP A 266 -18.42 -4.78 22.72
CA ASP A 266 -18.01 -3.40 22.93
C ASP A 266 -18.11 -2.58 21.64
N GLY A 267 -18.51 -3.27 20.57
CA GLY A 267 -18.73 -2.65 19.28
C GLY A 267 -17.40 -2.43 18.56
N LYS A 268 -16.33 -3.03 19.06
CA LYS A 268 -15.01 -2.91 18.40
C LYS A 268 -14.78 -4.07 17.44
N ASN A 269 -14.07 -3.84 16.32
CA ASN A 269 -13.78 -4.94 15.40
C ASN A 269 -12.47 -5.58 15.83
N TYR A 270 -12.41 -6.91 15.88
CA TYR A 270 -11.17 -7.62 16.30
C TYR A 270 -10.72 -8.50 15.19
N VAL A 271 -9.41 -8.53 14.91
CA VAL A 271 -8.90 -9.48 13.93
C VAL A 271 -7.49 -9.87 14.31
N THR A 272 -7.15 -11.14 14.09
CA THR A 272 -5.75 -11.53 14.15
C THR A 272 -5.17 -11.91 12.80
N TYR A 273 -3.94 -11.47 12.61
CA TYR A 273 -3.21 -11.79 11.43
C TYR A 273 -1.75 -11.89 11.85
N ASN A 274 -1.13 -13.01 11.50
CA ASN A 274 0.26 -13.27 11.79
C ASN A 274 1.10 -12.95 10.57
N PHE A 275 2.30 -12.44 10.77
CA PHE A 275 3.24 -12.26 9.65
C PHE A 275 4.33 -13.31 9.66
N VAL A 276 4.64 -13.82 8.48
CA VAL A 276 5.64 -14.85 8.31
C VAL A 276 6.75 -14.24 7.46
N LEU A 277 7.99 -14.18 7.98
CA LEU A 277 9.10 -13.58 7.25
C LEU A 277 10.05 -14.62 6.58
N ASP A 278 10.57 -14.27 5.40
CA ASP A 278 11.64 -15.04 4.76
C ASP A 278 12.96 -14.61 5.39
N PRO A 279 14.00 -15.48 5.39
CA PRO A 279 15.31 -15.05 5.86
C PRO A 279 15.93 -13.97 4.96
N ALA A 280 16.75 -13.11 5.55
CA ALA A 280 17.59 -12.18 4.82
C ALA A 280 18.83 -12.92 4.31
FE FE B . -2.87 3.63 0.79
C1 CAQ C . -11.57 -10.44 -5.15
C2 CAQ C . -10.21 -10.18 -4.95
C3 CAQ C . -9.43 -9.80 -6.05
O3 CAQ C . -8.11 -9.55 -5.86
C4 CAQ C . -9.98 -9.67 -7.32
O4 CAQ C . -9.19 -9.29 -8.36
C5 CAQ C . -11.35 -9.93 -7.51
C6 CAQ C . -12.14 -10.30 -6.43
C1 CAQ D . -11.34 -0.06 -28.79
C2 CAQ D . -10.08 0.18 -29.34
C3 CAQ D . -9.90 1.20 -30.27
O3 CAQ D . -8.66 1.41 -30.81
C4 CAQ D . -10.95 2.01 -30.65
O4 CAQ D . -10.76 3.00 -31.57
C5 CAQ D . -12.22 1.78 -30.10
C6 CAQ D . -12.40 0.76 -29.17
C1 CAQ E . -2.30 5.13 -4.32
C2 CAQ E . -2.81 5.52 -3.08
C3 CAQ E . -2.71 4.66 -1.98
O3 CAQ E . -3.18 4.95 -0.75
C4 CAQ E . -2.11 3.42 -2.16
O4 CAQ E . -2.05 2.59 -1.09
C5 CAQ E . -1.62 3.03 -3.40
C6 CAQ E . -1.71 3.90 -4.50
C24 6PL F . 8.94 -1.22 -18.60
C23 6PL F . 9.41 -0.09 -17.69
C22 6PL F . 10.27 -0.63 -16.57
C21 6PL F . 11.70 -0.13 -16.72
C20 6PL F . 12.28 0.28 -15.37
C19 6PL F . 13.66 -0.33 -15.16
C18 6PL F . 14.76 0.57 -15.69
C17 6PL F . 15.75 0.96 -14.60
C16 6PL F . 17.17 0.79 -15.09
C15 6PL F . 18.14 1.38 -14.10
C14 6PL F . 19.50 1.59 -14.73
C13 6PL F . 20.31 2.57 -13.89
C12 6PL F . 21.75 2.65 -14.37
C11 6PL F . 22.65 2.66 -13.15
O11 6PL F . 23.07 1.61 -12.68
O3 6PL F . 23.03 3.91 -12.52
C3 6PL F . 22.05 4.36 -11.60
C2 6PL F . 21.84 5.85 -11.76
C1 6PL F . 22.12 6.58 -10.45
O3P 6PL F . 23.54 6.60 -10.20
P 6PL F . 23.92 7.93 -9.38
O2 6PL F . 20.50 6.10 -12.18
C31 6PL F . 20.46 7.00 -13.32
O31 6PL F . 20.38 8.20 -13.11
C32 6PL F . 20.52 6.45 -14.73
C33 6PL F . 19.12 6.46 -15.33
C34 6PL F . 19.11 5.88 -16.74
C35 6PL F . 17.71 5.91 -17.32
C36 6PL F . 16.97 4.61 -17.02
C37 6PL F . 15.51 4.88 -16.68
C38 6PL F . 14.61 3.78 -17.20
C39 6PL F . 14.17 4.06 -18.63
C40 6PL F . 13.57 2.81 -19.28
C41 6PL F . 12.10 3.03 -19.60
C42 6PL F . 11.93 3.66 -20.98
C43 6PL F . 10.46 3.67 -21.39
C44 6PL F . 9.66 4.69 -20.59
C45 6PL F . 8.57 5.30 -21.45
C46 6PL F . 8.48 6.81 -21.22
C47 6PL F . 7.03 7.26 -21.24
C48 6PL F . 6.97 7.56 -22.72
MG MG G . 9.09 -26.33 5.96
CL CL H . 15.72 1.13 -28.01
CL CL I . 14.71 -1.88 12.87
CL CL J . -18.78 -13.38 7.79
#